data_9FPU
#
_entry.id   9FPU
#
_cell.length_a   42.025
_cell.length_b   41.066
_cell.length_c   71.906
_cell.angle_alpha   90.00
_cell.angle_beta   104.22
_cell.angle_gamma   90.00
#
_symmetry.space_group_name_H-M   'P 1 21 1'
#
loop_
_entity.id
_entity.type
_entity.pdbx_description
1 polymer 'Carbonic anhydrase 2'
2 non-polymer 'ZINC ION'
3 non-polymer ~{N}-butyl-4-chloranyl-3-sulfamoyl-benzamide
4 non-polymer 'SODIUM ION'
5 non-polymer BICINE
6 non-polymer 'DIMETHYL SULFOXIDE'
7 water water
#
_entity_poly.entity_id   1
_entity_poly.type   'polypeptide(L)'
_entity_poly.pdbx_seq_one_letter_code
;MSHHWGYGKHNGPEHWHKDFPIAKGERQSPVDIDTHTAKYDPSLKPLSVSYDQATSLRILNNGHAFNVEFDDSQDKAVLK
GGPLDGTYRLIQFHFHWGSLDGQGSEHTVDKKKYAAELHLVHWNTKYGDFGKAVQQPDGLAVLGIFLKVGSAKPGLQKVV
DVLDSIKTKGKSADFTNFDPRGLLPESLDYWTYPGSLTTPPLLECVTWIVLKEPISVSSEQVLKFRKLNFNGEGEPEELM
VDNWRPAQPLKNRQIKASFK
;
_entity_poly.pdbx_strand_id   A
#
loop_
_chem_comp.id
_chem_comp.type
_chem_comp.name
_chem_comp.formula
A1IEP non-polymer ~{N}-butyl-4-chloranyl-3-sulfamoyl-benzamide 'C11 H15 Cl N2 O3 S'
BCN non-polymer BICINE 'C6 H13 N O4'
DMS non-polymer 'DIMETHYL SULFOXIDE' 'C2 H6 O S'
NA non-polymer 'SODIUM ION' 'Na 1'
ZN non-polymer 'ZINC ION' 'Zn 2'
#
# COMPACT_ATOMS: atom_id res chain seq x y z
N HIS A 3 7.92 -23.83 2.52
CA HIS A 3 8.70 -22.69 3.16
C HIS A 3 8.66 -21.43 2.27
N HIS A 4 7.48 -20.79 2.20
CA HIS A 4 7.23 -19.68 1.32
C HIS A 4 7.53 -18.41 2.12
N TRP A 5 7.63 -17.32 1.40
CA TRP A 5 7.92 -16.06 2.07
C TRP A 5 6.79 -15.64 2.99
N GLY A 6 7.16 -14.82 3.99
CA GLY A 6 6.15 -14.23 4.86
C GLY A 6 6.80 -13.14 5.67
N TYR A 7 6.36 -13.01 6.92
CA TYR A 7 6.89 -11.93 7.78
C TYR A 7 7.52 -12.42 9.10
N GLY A 8 7.81 -13.72 9.22
CA GLY A 8 8.44 -14.22 10.47
C GLY A 8 9.98 -14.26 10.47
N LYS A 9 10.51 -14.78 11.58
CA LYS A 9 11.96 -14.94 11.78
C LYS A 9 12.59 -15.75 10.65
N HIS A 10 11.88 -16.83 10.23
CA HIS A 10 12.50 -17.77 9.33
C HIS A 10 12.18 -17.48 7.87
N ASN A 11 11.18 -16.58 7.62
CA ASN A 11 10.78 -16.34 6.24
C ASN A 11 10.46 -14.87 5.95
N GLY A 12 10.91 -13.99 6.83
CA GLY A 12 10.55 -12.60 6.68
C GLY A 12 11.52 -11.87 5.77
N PRO A 13 11.41 -10.52 5.80
CA PRO A 13 12.15 -9.68 4.87
C PRO A 13 13.63 -9.95 4.69
N GLU A 14 14.36 -10.31 5.76
CA GLU A 14 15.80 -10.55 5.64
C GLU A 14 16.12 -11.84 4.89
N HIS A 15 15.10 -12.70 4.63
CA HIS A 15 15.26 -13.92 3.88
C HIS A 15 14.83 -13.81 2.42
N TRP A 16 14.09 -12.77 2.05
CA TRP A 16 13.42 -12.77 0.75
C TRP A 16 14.41 -12.80 -0.41
N HIS A 17 15.62 -12.29 -0.20
CA HIS A 17 16.61 -12.21 -1.28
C HIS A 17 16.97 -13.60 -1.84
N LYS A 18 16.85 -14.64 -1.03
CA LYS A 18 17.23 -15.96 -1.54
C LYS A 18 16.27 -16.41 -2.65
N ASP A 19 14.95 -16.19 -2.53
CA ASP A 19 14.01 -16.53 -3.60
C ASP A 19 13.85 -15.41 -4.62
N PHE A 20 14.11 -14.16 -4.22
CA PHE A 20 13.87 -12.99 -5.03
C PHE A 20 15.10 -12.10 -4.94
N PRO A 21 16.18 -12.38 -5.70
CA PRO A 21 17.44 -11.66 -5.53
C PRO A 21 17.40 -10.16 -5.82
N ILE A 22 16.34 -9.69 -6.49
N ILE A 22 16.41 -9.73 -6.60
CA ILE A 22 16.10 -8.26 -6.71
CA ILE A 22 16.13 -8.31 -6.75
C ILE A 22 15.87 -7.55 -5.39
C ILE A 22 15.92 -7.59 -5.41
N ALA A 23 15.64 -8.32 -4.31
CA ALA A 23 15.50 -7.71 -2.97
C ALA A 23 16.68 -6.81 -2.65
N LYS A 24 17.87 -7.07 -3.24
CA LYS A 24 19.07 -6.26 -2.97
C LYS A 24 19.36 -5.35 -4.17
N GLY A 25 18.32 -5.01 -4.95
CA GLY A 25 18.44 -4.27 -6.19
C GLY A 25 18.63 -2.77 -5.92
N GLU A 26 18.63 -2.07 -7.05
CA GLU A 26 18.99 -0.67 -7.07
C GLU A 26 17.83 0.27 -6.81
N ARG A 27 16.57 -0.19 -6.82
CA ARG A 27 15.46 0.72 -6.61
C ARG A 27 14.37 0.00 -5.77
N GLN A 28 14.79 -0.50 -4.60
CA GLN A 28 13.83 -1.22 -3.71
C GLN A 28 13.06 -0.25 -2.82
N SER A 29 11.89 -0.71 -2.41
CA SER A 29 10.99 0.02 -1.52
C SER A 29 10.62 -0.85 -0.35
N PRO A 30 10.23 -0.26 0.79
CA PRO A 30 10.10 1.19 1.01
C PRO A 30 11.44 1.83 1.35
N VAL A 31 11.40 3.15 1.62
CA VAL A 31 12.58 3.89 2.01
C VAL A 31 12.16 4.84 3.12
N ASP A 32 13.18 5.29 3.85
CA ASP A 32 12.99 6.44 4.73
C ASP A 32 12.93 7.72 3.91
N ILE A 33 11.96 8.57 4.18
CA ILE A 33 11.82 9.88 3.51
C ILE A 33 12.45 10.88 4.45
N ASP A 34 13.62 11.37 4.06
CA ASP A 34 14.28 12.40 4.84
C ASP A 34 13.71 13.71 4.31
N THR A 35 12.86 14.36 5.08
CA THR A 35 12.09 15.50 4.58
C THR A 35 12.94 16.69 4.29
N HIS A 36 14.10 16.83 4.96
CA HIS A 36 14.98 17.94 4.69
C HIS A 36 15.79 17.80 3.42
N THR A 37 16.05 16.54 2.98
CA THR A 37 16.79 16.32 1.75
C THR A 37 15.93 16.05 0.53
N ALA A 38 14.63 15.86 0.72
CA ALA A 38 13.76 15.74 -0.45
C ALA A 38 13.77 17.07 -1.14
N LYS A 39 13.80 17.03 -2.45
CA LYS A 39 13.89 18.21 -3.27
C LYS A 39 12.48 18.67 -3.68
N TYR A 40 12.13 19.91 -3.32
CA TYR A 40 10.92 20.51 -3.87
C TYR A 40 11.05 20.69 -5.38
N ASP A 41 10.06 20.21 -6.14
CA ASP A 41 10.11 20.28 -7.61
C ASP A 41 8.91 21.05 -8.07
N PRO A 42 9.08 22.34 -8.38
CA PRO A 42 7.93 23.17 -8.78
C PRO A 42 7.31 22.72 -10.10
N SER A 43 8.03 21.90 -10.87
CA SER A 43 7.42 21.36 -12.09
C SER A 43 6.43 20.20 -11.81
N LEU A 44 6.41 19.63 -10.59
CA LEU A 44 5.49 18.52 -10.26
C LEU A 44 4.06 19.06 -10.32
N LYS A 45 3.13 18.29 -10.93
CA LYS A 45 1.74 18.75 -11.01
C LYS A 45 0.93 18.18 -9.88
N PRO A 46 -0.25 18.80 -9.59
CA PRO A 46 -1.16 18.24 -8.60
C PRO A 46 -1.49 16.83 -9.00
N LEU A 47 -1.65 15.97 -7.99
CA LEU A 47 -2.05 14.62 -8.27
C LEU A 47 -3.54 14.69 -8.66
N SER A 48 -3.94 13.89 -9.66
CA SER A 48 -5.34 13.81 -10.03
C SER A 48 -5.82 12.41 -9.66
N VAL A 49 -6.75 12.39 -8.70
CA VAL A 49 -7.35 11.15 -8.22
C VAL A 49 -8.82 11.17 -8.64
N SER A 50 -9.18 10.25 -9.52
CA SER A 50 -10.54 10.28 -10.03
C SER A 50 -11.17 8.94 -9.71
N TYR A 51 -11.85 8.87 -8.56
CA TYR A 51 -12.34 7.62 -8.00
C TYR A 51 -13.88 7.59 -7.96
N ASP A 52 -14.56 8.62 -8.51
CA ASP A 52 -16.03 8.68 -8.59
C ASP A 52 -16.71 7.43 -9.15
N GLN A 53 -16.10 6.74 -10.11
CA GLN A 53 -16.81 5.61 -10.74
C GLN A 53 -16.20 4.27 -10.30
N ALA A 54 -15.45 4.23 -9.19
CA ALA A 54 -14.80 2.99 -8.78
C ALA A 54 -15.81 1.87 -8.51
N THR A 55 -15.44 0.65 -8.93
CA THR A 55 -16.28 -0.50 -8.66
C THR A 55 -15.47 -1.53 -7.91
N SER A 56 -15.65 -1.56 -6.58
CA SER A 56 -15.05 -2.65 -5.82
C SER A 56 -15.83 -3.95 -6.10
N LEU A 57 -15.09 -5.04 -6.02
CA LEU A 57 -15.67 -6.36 -6.28
C LEU A 57 -15.62 -7.25 -5.04
N ARG A 58 -14.45 -7.43 -4.43
N ARG A 58 -14.45 -7.40 -4.43
CA ARG A 58 -14.27 -8.53 -3.49
CA ARG A 58 -14.33 -8.46 -3.43
C ARG A 58 -13.19 -8.06 -2.52
C ARG A 58 -13.11 -8.17 -2.56
N ILE A 59 -13.14 -8.71 -1.35
CA ILE A 59 -12.05 -8.53 -0.41
C ILE A 59 -11.51 -9.92 -0.10
N LEU A 60 -10.20 -10.04 -0.10
CA LEU A 60 -9.51 -11.30 0.00
C LEU A 60 -8.43 -11.29 1.09
N ASN A 61 -8.40 -12.27 2.00
CA ASN A 61 -7.24 -12.50 2.88
C ASN A 61 -6.26 -13.41 2.11
N ASN A 62 -5.11 -12.88 1.66
CA ASN A 62 -4.13 -13.64 0.91
C ASN A 62 -3.00 -14.26 1.74
N GLY A 63 -3.17 -14.22 3.08
CA GLY A 63 -2.15 -14.78 3.95
C GLY A 63 -1.04 -13.79 4.28
N HIS A 64 -1.08 -12.62 3.64
CA HIS A 64 -0.05 -11.58 3.87
C HIS A 64 -0.67 -10.27 4.32
N ALA A 65 -1.81 -9.91 3.73
CA ALA A 65 -2.65 -8.80 4.10
C ALA A 65 -4.06 -9.10 3.59
N PHE A 66 -4.96 -8.13 3.55
CA PHE A 66 -6.20 -8.25 2.81
C PHE A 66 -6.20 -7.28 1.66
N ASN A 67 -6.71 -7.73 0.52
CA ASN A 67 -6.75 -6.87 -0.64
C ASN A 67 -8.22 -6.59 -0.95
N VAL A 68 -8.58 -5.31 -1.18
CA VAL A 68 -9.87 -4.94 -1.73
C VAL A 68 -9.65 -4.72 -3.22
N GLU A 69 -10.29 -5.56 -4.03
CA GLU A 69 -10.09 -5.55 -5.46
C GLU A 69 -11.20 -4.83 -6.21
N PHE A 70 -10.79 -4.23 -7.33
CA PHE A 70 -11.69 -3.42 -8.13
C PHE A 70 -11.77 -3.98 -9.56
N ASP A 71 -12.89 -3.63 -10.18
N ASP A 71 -12.90 -3.74 -10.18
CA ASP A 71 -13.05 -3.77 -11.62
CA ASP A 71 -12.98 -4.07 -11.59
C ASP A 71 -12.12 -2.80 -12.34
C ASP A 71 -12.24 -2.99 -12.37
N ASP A 72 -11.08 -3.37 -12.94
CA ASP A 72 -10.16 -2.52 -13.71
C ASP A 72 -10.28 -2.81 -15.21
N SER A 73 -11.45 -3.20 -15.67
CA SER A 73 -11.64 -3.52 -17.09
C SER A 73 -12.14 -2.31 -17.90
N GLN A 74 -12.32 -1.12 -17.29
CA GLN A 74 -12.63 0.13 -17.97
C GLN A 74 -11.92 1.24 -17.25
N ASP A 75 -11.90 2.44 -17.89
CA ASP A 75 -11.27 3.65 -17.34
C ASP A 75 -12.28 4.20 -16.34
N LYS A 76 -12.23 3.61 -15.15
CA LYS A 76 -12.85 4.02 -13.91
C LYS A 76 -11.68 3.96 -12.92
N ALA A 77 -11.69 4.86 -12.01
CA ALA A 77 -10.81 4.86 -10.85
C ALA A 77 -9.38 5.02 -11.32
N VAL A 78 -9.06 6.23 -11.74
CA VAL A 78 -7.72 6.45 -12.29
C VAL A 78 -6.93 7.52 -11.54
N LEU A 79 -5.63 7.29 -11.54
CA LEU A 79 -4.67 8.23 -11.01
C LEU A 79 -3.88 8.75 -12.19
N LYS A 80 -3.66 10.05 -12.22
CA LYS A 80 -2.84 10.67 -13.24
C LYS A 80 -2.27 11.97 -12.69
N GLY A 81 -1.52 12.71 -13.50
CA GLY A 81 -0.92 13.94 -13.02
C GLY A 81 0.16 13.61 -12.02
N GLY A 82 0.40 14.55 -11.12
CA GLY A 82 1.49 14.37 -10.21
C GLY A 82 2.78 14.18 -11.01
N PRO A 83 3.59 13.13 -10.69
CA PRO A 83 4.83 12.89 -11.43
C PRO A 83 4.60 11.99 -12.67
N LEU A 84 3.35 11.60 -12.94
CA LEU A 84 3.10 10.52 -13.89
C LEU A 84 2.86 11.10 -15.29
N ASP A 85 3.23 10.28 -16.26
CA ASP A 85 2.89 10.49 -17.67
C ASP A 85 1.74 9.52 -17.92
N GLY A 86 0.67 9.97 -18.54
CA GLY A 86 -0.39 8.99 -18.74
C GLY A 86 -1.17 8.53 -17.49
N THR A 87 -1.98 7.48 -17.72
N THR A 87 -1.91 7.45 -17.67
CA THR A 87 -3.13 7.13 -16.90
CA THR A 87 -3.05 7.19 -16.81
C THR A 87 -2.92 5.77 -16.24
C THR A 87 -2.90 5.80 -16.23
N TYR A 88 -3.18 5.72 -14.94
CA TYR A 88 -3.02 4.49 -14.19
C TYR A 88 -4.34 4.14 -13.53
N ARG A 89 -4.71 2.88 -13.71
CA ARG A 89 -6.01 2.38 -13.25
C ARG A 89 -5.90 1.60 -11.93
N LEU A 90 -6.81 1.93 -10.99
CA LEU A 90 -6.82 1.25 -9.69
C LEU A 90 -7.22 -0.22 -9.86
N ILE A 91 -6.41 -1.13 -9.32
CA ILE A 91 -6.72 -2.55 -9.30
C ILE A 91 -7.03 -3.05 -7.89
N GLN A 92 -6.38 -2.55 -6.84
CA GLN A 92 -6.61 -3.05 -5.49
C GLN A 92 -5.98 -2.07 -4.49
N PHE A 93 -6.49 -2.14 -3.26
CA PHE A 93 -5.74 -1.55 -2.16
C PHE A 93 -5.60 -2.58 -1.04
N HIS A 94 -4.58 -2.33 -0.20
CA HIS A 94 -4.33 -3.13 0.99
C HIS A 94 -3.58 -2.23 1.98
N PHE A 95 -3.32 -2.79 3.15
CA PHE A 95 -2.62 -2.11 4.22
C PHE A 95 -1.49 -2.98 4.71
N HIS A 96 -0.53 -2.28 5.37
CA HIS A 96 0.47 -2.93 6.21
C HIS A 96 0.36 -2.32 7.62
N TRP A 97 0.48 -3.10 8.67
CA TRP A 97 0.29 -2.61 10.01
C TRP A 97 1.09 -3.40 11.01
N GLY A 98 1.11 -2.85 12.25
CA GLY A 98 1.95 -3.38 13.29
C GLY A 98 1.20 -4.17 14.34
N SER A 99 2.02 -4.73 15.24
CA SER A 99 1.53 -5.36 16.47
C SER A 99 1.18 -4.33 17.54
N LEU A 100 1.73 -3.11 17.39
CA LEU A 100 1.67 -2.02 18.35
C LEU A 100 1.49 -0.75 17.55
N ASP A 101 0.94 0.31 18.15
CA ASP A 101 0.65 1.51 17.38
C ASP A 101 1.94 2.18 16.92
N GLY A 102 3.05 1.92 17.63
CA GLY A 102 4.33 2.53 17.27
C GLY A 102 5.06 1.98 16.05
N GLN A 103 4.48 1.05 15.33
CA GLN A 103 5.12 0.53 14.13
C GLN A 103 4.05 0.00 13.22
N GLY A 104 4.40 -0.25 11.96
CA GLY A 104 3.45 -0.79 11.02
C GLY A 104 3.62 -0.22 9.61
N SER A 105 4.02 1.08 9.50
CA SER A 105 4.25 1.60 8.17
C SER A 105 5.53 1.03 7.56
N GLU A 106 5.50 1.08 6.21
CA GLU A 106 6.66 0.63 5.41
C GLU A 106 7.59 1.83 5.13
N HIS A 107 7.06 2.87 4.46
CA HIS A 107 7.81 4.10 4.47
C HIS A 107 7.84 4.71 5.88
N THR A 108 8.89 5.48 6.12
CA THR A 108 9.09 6.24 7.33
C THR A 108 9.37 7.68 6.92
N VAL A 109 9.12 8.60 7.86
CA VAL A 109 9.30 10.03 7.56
C VAL A 109 10.29 10.56 8.63
N ASP A 110 11.51 10.91 8.24
CA ASP A 110 12.53 11.27 9.24
C ASP A 110 12.58 10.21 10.36
N LYS A 111 12.52 8.93 9.91
CA LYS A 111 12.62 7.72 10.73
C LYS A 111 11.35 7.44 11.53
N LYS A 112 10.35 8.33 11.49
CA LYS A 112 9.08 8.07 12.19
C LYS A 112 8.33 6.93 11.49
N LYS A 113 7.89 5.97 12.30
N LYS A 113 7.89 5.96 12.29
CA LYS A 113 7.00 4.89 11.89
CA LYS A 113 7.00 4.91 11.81
C LYS A 113 5.57 5.23 12.26
C LYS A 113 5.58 5.22 12.24
N TYR A 114 4.66 5.07 11.31
CA TYR A 114 3.26 5.22 11.55
C TYR A 114 2.64 3.87 11.94
N ALA A 115 1.42 3.88 12.45
CA ALA A 115 0.74 2.65 12.89
C ALA A 115 0.43 1.74 11.71
N ALA A 116 0.25 2.29 10.51
CA ALA A 116 -0.11 1.49 9.35
C ALA A 116 0.14 2.34 8.13
N GLU A 117 0.02 1.68 6.96
CA GLU A 117 0.17 2.37 5.67
C GLU A 117 -0.77 1.70 4.64
N LEU A 118 -1.55 2.54 3.99
CA LEU A 118 -2.47 2.12 2.94
C LEU A 118 -1.76 2.27 1.59
N HIS A 119 -1.89 1.24 0.74
CA HIS A 119 -1.34 1.24 -0.63
C HIS A 119 -2.47 1.07 -1.62
N LEU A 120 -2.73 2.11 -2.43
CA LEU A 120 -3.67 2.02 -3.54
C LEU A 120 -2.86 1.77 -4.81
N VAL A 121 -3.02 0.57 -5.38
CA VAL A 121 -2.16 0.06 -6.46
C VAL A 121 -2.82 0.33 -7.80
N HIS A 122 -2.10 0.96 -8.71
CA HIS A 122 -2.62 1.32 -10.01
C HIS A 122 -1.66 0.87 -11.10
N TRP A 123 -2.17 0.44 -12.26
CA TRP A 123 -1.27 0.04 -13.38
C TRP A 123 -1.46 0.95 -14.58
N ASN A 124 -0.34 1.11 -15.29
CA ASN A 124 -0.29 2.03 -16.42
C ASN A 124 -1.06 1.44 -17.61
N THR A 125 -2.06 2.21 -18.07
CA THR A 125 -2.93 1.67 -19.12
C THR A 125 -2.17 1.42 -20.42
N LYS A 126 -0.96 2.05 -20.58
CA LYS A 126 -0.30 1.75 -21.87
C LYS A 126 0.17 0.28 -21.93
N TYR A 127 0.11 -0.46 -20.83
CA TYR A 127 0.55 -1.86 -20.85
C TYR A 127 -0.61 -2.85 -20.80
N GLY A 128 -1.84 -2.34 -20.83
CA GLY A 128 -2.96 -3.22 -21.10
C GLY A 128 -3.49 -4.03 -19.93
N ASP A 129 -2.64 -4.58 -19.05
CA ASP A 129 -3.13 -5.21 -17.82
C ASP A 129 -2.04 -5.17 -16.77
N PHE A 130 -2.40 -5.54 -15.54
CA PHE A 130 -1.47 -5.45 -14.43
C PHE A 130 -0.28 -6.40 -14.65
N GLY A 131 -0.55 -7.63 -15.12
CA GLY A 131 0.57 -8.58 -15.22
C GLY A 131 1.65 -8.14 -16.21
N LYS A 132 1.26 -7.48 -17.30
CA LYS A 132 2.28 -6.94 -18.19
C LYS A 132 2.89 -5.68 -17.59
N ALA A 133 2.09 -4.87 -16.90
CA ALA A 133 2.62 -3.63 -16.35
C ALA A 133 3.75 -3.89 -15.33
N VAL A 134 3.68 -4.95 -14.53
CA VAL A 134 4.70 -5.14 -13.52
C VAL A 134 6.06 -5.49 -14.11
N GLN A 135 6.08 -5.82 -15.43
CA GLN A 135 7.34 -6.10 -16.10
C GLN A 135 8.03 -4.84 -16.64
N GLN A 136 7.46 -3.67 -16.36
CA GLN A 136 7.98 -2.43 -16.96
C GLN A 136 8.40 -1.47 -15.87
N PRO A 137 9.42 -0.61 -16.13
CA PRO A 137 9.94 0.27 -15.08
C PRO A 137 8.97 1.37 -14.68
N ASP A 138 7.97 1.68 -15.56
CA ASP A 138 6.93 2.66 -15.23
C ASP A 138 5.55 1.97 -15.28
N GLY A 139 5.50 0.72 -14.84
CA GLY A 139 4.30 -0.07 -14.92
C GLY A 139 3.22 0.28 -13.91
N LEU A 140 3.63 0.63 -12.66
CA LEU A 140 2.67 0.81 -11.59
C LEU A 140 2.88 2.20 -10.97
N ALA A 141 1.80 2.72 -10.36
CA ALA A 141 1.88 3.87 -9.49
C ALA A 141 1.14 3.47 -8.23
N VAL A 142 1.81 3.60 -7.08
CA VAL A 142 1.18 3.27 -5.80
C VAL A 142 1.05 4.55 -5.01
N LEU A 143 -0.19 4.83 -4.59
CA LEU A 143 -0.47 5.95 -3.72
C LEU A 143 -0.44 5.41 -2.30
N GLY A 144 0.56 5.89 -1.52
CA GLY A 144 0.75 5.47 -0.13
C GLY A 144 0.25 6.55 0.81
N ILE A 145 -0.49 6.08 1.82
CA ILE A 145 -1.15 6.98 2.78
C ILE A 145 -0.87 6.42 4.17
N PHE A 146 -0.27 7.25 5.04
CA PHE A 146 0.00 6.79 6.43
C PHE A 146 -1.28 6.85 7.26
N LEU A 147 -1.32 5.93 8.25
CA LEU A 147 -2.41 5.93 9.24
C LEU A 147 -1.78 6.15 10.62
N LYS A 148 -2.37 7.08 11.35
CA LYS A 148 -2.06 7.26 12.78
C LYS A 148 -3.32 6.92 13.57
N VAL A 149 -3.12 6.55 14.83
CA VAL A 149 -4.24 6.19 15.71
C VAL A 149 -4.73 7.47 16.42
N GLY A 150 -6.01 7.74 16.31
CA GLY A 150 -6.65 8.88 16.97
C GLY A 150 -8.14 8.78 16.75
N SER A 151 -8.76 9.79 16.11
N SER A 151 -8.72 9.76 16.03
CA SER A 151 -10.18 9.67 15.80
CA SER A 151 -10.12 9.70 15.64
C SER A 151 -10.39 8.59 14.72
C SER A 151 -10.36 8.54 14.67
N ALA A 152 -11.57 7.94 14.72
CA ALA A 152 -11.93 6.97 13.72
C ALA A 152 -11.99 7.62 12.33
N LYS A 153 -11.79 6.76 11.33
CA LYS A 153 -12.00 7.17 9.94
C LYS A 153 -13.31 6.54 9.49
N PRO A 154 -14.38 7.35 9.35
CA PRO A 154 -15.68 6.69 9.12
C PRO A 154 -15.69 5.88 7.80
N GLY A 155 -14.94 6.32 6.78
CA GLY A 155 -14.95 5.66 5.51
C GLY A 155 -14.15 4.37 5.51
N LEU A 156 -13.49 4.03 6.62
CA LEU A 156 -12.79 2.78 6.79
C LEU A 156 -13.71 1.70 7.39
N GLN A 157 -14.80 2.14 8.04
CA GLN A 157 -15.53 1.18 8.90
C GLN A 157 -16.09 0.02 8.08
N LYS A 158 -16.55 0.24 6.84
CA LYS A 158 -17.09 -0.88 6.05
C LYS A 158 -16.05 -1.99 5.85
N VAL A 159 -14.78 -1.59 5.67
CA VAL A 159 -13.69 -2.54 5.54
C VAL A 159 -13.54 -3.28 6.88
N VAL A 160 -13.42 -2.55 8.00
CA VAL A 160 -13.19 -3.23 9.26
C VAL A 160 -14.31 -4.21 9.59
N ASP A 161 -15.54 -3.88 9.25
CA ASP A 161 -16.65 -4.71 9.64
C ASP A 161 -16.72 -6.04 8.90
N VAL A 162 -16.14 -6.15 7.69
CA VAL A 162 -16.17 -7.38 6.91
C VAL A 162 -15.02 -8.29 7.32
N LEU A 163 -14.02 -7.79 8.09
CA LEU A 163 -12.86 -8.62 8.37
C LEU A 163 -13.16 -9.95 9.05
N ASP A 164 -14.16 -9.93 9.94
CA ASP A 164 -14.57 -11.16 10.63
C ASP A 164 -14.87 -12.31 9.65
N SER A 165 -15.26 -11.98 8.42
CA SER A 165 -15.65 -13.00 7.44
C SER A 165 -14.47 -13.49 6.62
N ILE A 166 -13.32 -12.83 6.75
CA ILE A 166 -12.15 -13.26 5.99
C ILE A 166 -10.98 -13.44 6.97
N LYS A 167 -11.23 -14.09 8.11
CA LYS A 167 -10.23 -14.10 9.16
C LYS A 167 -8.96 -14.79 8.70
N THR A 168 -9.08 -15.88 7.86
CA THR A 168 -7.92 -16.72 7.60
C THR A 168 -7.54 -16.72 6.11
N LYS A 169 -6.30 -17.14 5.87
N LYS A 169 -6.33 -17.18 5.88
CA LYS A 169 -5.71 -17.20 4.52
CA LYS A 169 -5.80 -17.17 4.51
C LYS A 169 -6.64 -17.91 3.54
C LYS A 169 -6.68 -17.91 3.52
N GLY A 170 -6.99 -17.24 2.43
CA GLY A 170 -7.76 -17.86 1.39
C GLY A 170 -9.24 -17.55 1.41
N LYS A 171 -9.68 -16.98 2.56
CA LYS A 171 -11.04 -16.50 2.60
C LYS A 171 -11.27 -15.25 1.76
N SER A 172 -12.43 -15.24 1.05
CA SER A 172 -12.78 -13.99 0.36
C SER A 172 -14.29 -13.77 0.60
N ALA A 173 -14.74 -12.53 0.41
CA ALA A 173 -16.13 -12.08 0.54
C ALA A 173 -16.49 -11.08 -0.56
N ASP A 174 -17.70 -11.06 -1.09
CA ASP A 174 -18.22 -10.00 -1.96
C ASP A 174 -18.04 -8.69 -1.23
N PHE A 175 -17.65 -7.68 -1.98
CA PHE A 175 -17.33 -6.41 -1.32
C PHE A 175 -17.53 -5.29 -2.32
N THR A 176 -18.79 -5.02 -2.64
CA THR A 176 -19.18 -4.07 -3.66
C THR A 176 -19.53 -2.73 -3.06
N ASN A 177 -19.47 -1.71 -3.92
CA ASN A 177 -19.91 -0.37 -3.59
C ASN A 177 -19.04 0.30 -2.52
N PHE A 178 -17.78 -0.12 -2.39
CA PHE A 178 -16.90 0.56 -1.44
C PHE A 178 -16.29 1.74 -2.17
N ASP A 179 -16.35 2.91 -1.53
CA ASP A 179 -15.83 4.13 -2.12
C ASP A 179 -14.47 4.47 -1.52
N PRO A 180 -13.35 4.33 -2.27
CA PRO A 180 -12.04 4.55 -1.68
C PRO A 180 -11.78 6.04 -1.44
N ARG A 181 -12.63 6.95 -1.95
CA ARG A 181 -12.49 8.38 -1.60
C ARG A 181 -12.53 8.56 -0.09
N GLY A 182 -13.24 7.68 0.61
CA GLY A 182 -13.42 7.89 2.06
C GLY A 182 -12.16 7.51 2.83
N LEU A 183 -11.08 7.12 2.14
CA LEU A 183 -9.82 6.78 2.77
C LEU A 183 -8.76 7.88 2.58
N LEU A 184 -9.10 8.94 1.87
CA LEU A 184 -8.08 9.94 1.53
C LEU A 184 -8.03 11.09 2.54
N PRO A 185 -6.85 11.67 2.83
CA PRO A 185 -6.77 12.86 3.67
C PRO A 185 -7.19 14.10 2.86
N GLU A 186 -7.19 15.26 3.54
CA GLU A 186 -7.63 16.48 2.87
C GLU A 186 -6.62 16.87 1.80
N SER A 187 -5.34 16.86 2.14
CA SER A 187 -4.33 17.34 1.21
C SER A 187 -3.79 16.23 0.34
N LEU A 188 -3.50 16.55 -0.92
CA LEU A 188 -2.81 15.63 -1.83
C LEU A 188 -1.35 16.05 -2.03
N ASP A 189 -0.78 16.86 -1.11
CA ASP A 189 0.67 17.06 -1.16
C ASP A 189 1.43 15.73 -1.00
N TYR A 190 2.55 15.56 -1.74
CA TYR A 190 3.15 14.23 -1.76
C TYR A 190 4.67 14.31 -1.96
N TRP A 191 5.30 13.19 -1.62
CA TRP A 191 6.66 12.87 -2.02
C TRP A 191 6.61 11.77 -3.10
N THR A 192 7.61 11.77 -3.98
CA THR A 192 7.60 10.73 -5.00
C THR A 192 9.04 10.29 -5.29
N TYR A 193 9.20 8.98 -5.65
CA TYR A 193 10.48 8.41 -6.01
C TYR A 193 10.23 7.13 -6.79
N PRO A 194 11.22 6.63 -7.54
CA PRO A 194 11.09 5.35 -8.25
C PRO A 194 11.49 4.21 -7.33
N GLY A 195 10.60 3.20 -7.26
CA GLY A 195 10.92 2.05 -6.39
C GLY A 195 10.27 0.77 -6.90
N SER A 196 9.84 -0.06 -5.95
CA SER A 196 9.50 -1.46 -6.22
C SER A 196 8.24 -1.83 -5.48
N LEU A 197 7.73 -3.03 -5.82
CA LEU A 197 6.83 -3.72 -4.89
C LEU A 197 7.54 -3.85 -3.56
N THR A 198 6.79 -3.76 -2.45
CA THR A 198 7.40 -4.02 -1.12
C THR A 198 7.21 -5.47 -0.69
N THR A 199 6.49 -6.27 -1.49
CA THR A 199 6.30 -7.70 -1.24
C THR A 199 6.91 -8.46 -2.40
N PRO A 200 7.42 -9.68 -2.18
CA PRO A 200 7.74 -10.54 -3.33
C PRO A 200 6.60 -10.48 -4.36
N PRO A 201 6.92 -10.43 -5.66
CA PRO A 201 8.26 -10.58 -6.24
C PRO A 201 9.17 -9.34 -6.30
N LEU A 202 8.81 -8.27 -5.57
CA LEU A 202 9.74 -7.14 -5.37
C LEU A 202 10.15 -6.44 -6.66
N LEU A 203 9.32 -6.53 -7.70
CA LEU A 203 9.67 -6.03 -9.05
C LEU A 203 9.79 -4.52 -8.97
N GLU A 204 10.77 -4.03 -9.75
CA GLU A 204 11.18 -2.63 -9.76
C GLU A 204 10.40 -1.84 -10.84
N CYS A 205 9.10 -1.72 -10.56
CA CYS A 205 8.10 -1.22 -11.54
C CYS A 205 7.24 -0.12 -11.03
N VAL A 206 7.55 0.45 -9.84
CA VAL A 206 6.60 1.33 -9.17
C VAL A 206 7.11 2.76 -9.13
N THR A 207 6.26 3.71 -9.54
CA THR A 207 6.43 5.13 -9.15
C THR A 207 5.65 5.28 -7.87
N TRP A 208 6.37 5.54 -6.77
CA TRP A 208 5.76 5.74 -5.44
C TRP A 208 5.30 7.20 -5.31
N ILE A 209 4.10 7.38 -4.78
CA ILE A 209 3.54 8.70 -4.49
C ILE A 209 3.04 8.56 -3.05
N VAL A 210 3.75 9.18 -2.10
CA VAL A 210 3.46 9.04 -0.68
C VAL A 210 2.87 10.36 -0.20
N LEU A 211 1.63 10.35 0.30
CA LEU A 211 1.03 11.59 0.79
C LEU A 211 1.65 12.04 2.11
N LYS A 212 1.90 13.35 2.23
CA LYS A 212 2.42 13.91 3.47
C LYS A 212 1.42 13.81 4.62
N GLU A 213 0.13 14.01 4.38
CA GLU A 213 -0.86 14.07 5.46
C GLU A 213 -1.35 12.66 5.77
N PRO A 214 -1.19 12.19 7.02
CA PRO A 214 -1.78 10.90 7.38
C PRO A 214 -3.26 11.00 7.56
N ILE A 215 -3.93 9.86 7.50
CA ILE A 215 -5.30 9.79 7.99
C ILE A 215 -5.27 9.27 9.41
N SER A 216 -6.32 9.61 10.17
N SER A 216 -6.32 9.61 10.15
CA SER A 216 -6.47 9.09 11.53
CA SER A 216 -6.50 9.11 11.51
C SER A 216 -7.48 7.95 11.46
C SER A 216 -7.49 7.95 11.46
N VAL A 217 -7.17 6.86 12.18
CA VAL A 217 -8.10 5.77 12.39
C VAL A 217 -8.16 5.52 13.88
N SER A 218 -9.21 4.86 14.35
CA SER A 218 -9.30 4.69 15.79
C SER A 218 -8.52 3.45 16.25
N SER A 219 -8.24 3.41 17.55
N SER A 219 -8.25 3.41 17.54
CA SER A 219 -7.62 2.24 18.14
CA SER A 219 -7.60 2.24 18.07
C SER A 219 -8.46 1.01 17.84
C SER A 219 -8.46 1.01 17.82
N GLU A 220 -9.79 1.13 17.92
CA GLU A 220 -10.67 0.00 17.69
C GLU A 220 -10.53 -0.48 16.25
N GLN A 221 -10.41 0.43 15.29
CA GLN A 221 -10.31 0.03 13.89
C GLN A 221 -9.01 -0.77 13.65
N VAL A 222 -7.86 -0.28 14.16
CA VAL A 222 -6.63 -1.02 13.95
C VAL A 222 -6.59 -2.34 14.74
N LEU A 223 -7.21 -2.35 15.92
CA LEU A 223 -7.31 -3.58 16.66
C LEU A 223 -8.01 -4.66 15.83
N LYS A 224 -9.03 -4.31 15.03
CA LYS A 224 -9.69 -5.31 14.21
C LYS A 224 -8.77 -5.82 13.08
N PHE A 225 -7.84 -4.98 12.54
CA PHE A 225 -6.87 -5.51 11.60
C PHE A 225 -6.02 -6.59 12.25
N ARG A 226 -5.68 -6.38 13.54
CA ARG A 226 -4.77 -7.27 14.24
C ARG A 226 -5.45 -8.57 14.68
N LYS A 227 -6.76 -8.73 14.44
CA LYS A 227 -7.44 -9.99 14.75
C LYS A 227 -7.41 -10.94 13.54
N LEU A 228 -6.96 -10.45 12.34
CA LEU A 228 -6.83 -11.30 11.18
C LEU A 228 -5.71 -12.31 11.44
N ASN A 229 -5.67 -13.33 10.60
CA ASN A 229 -4.73 -14.43 10.76
C ASN A 229 -3.92 -14.57 9.44
N PHE A 230 -2.62 -14.85 9.61
CA PHE A 230 -1.81 -15.23 8.47
C PHE A 230 -2.06 -16.68 8.03
N ASN A 231 -2.41 -17.55 8.99
CA ASN A 231 -2.66 -18.98 8.73
C ASN A 231 -4.00 -19.16 8.01
N GLY A 232 -4.16 -20.38 7.40
CA GLY A 232 -5.47 -20.86 6.93
C GLY A 232 -6.36 -21.41 8.05
N GLU A 233 -7.69 -21.54 7.76
CA GLU A 233 -8.70 -22.16 8.62
C GLU A 233 -8.26 -23.57 8.89
N GLY A 234 -8.40 -23.90 10.17
CA GLY A 234 -8.00 -25.23 10.62
C GLY A 234 -6.50 -25.36 10.85
N GLU A 235 -5.77 -24.24 10.74
CA GLU A 235 -4.36 -24.27 11.11
C GLU A 235 -4.15 -23.37 12.33
N PRO A 236 -3.00 -23.52 12.98
CA PRO A 236 -2.68 -22.87 14.26
C PRO A 236 -2.58 -21.36 14.09
N GLU A 237 -3.08 -20.62 15.08
CA GLU A 237 -3.35 -19.23 14.86
C GLU A 237 -2.07 -18.41 14.95
N GLU A 238 -1.79 -17.63 13.89
CA GLU A 238 -0.69 -16.66 13.87
C GLU A 238 -1.31 -15.33 13.49
N LEU A 239 -1.37 -14.40 14.46
CA LEU A 239 -2.07 -13.15 14.14
C LEU A 239 -1.34 -12.44 12.99
N MET A 240 -2.15 -11.83 12.13
CA MET A 240 -1.65 -11.01 11.03
C MET A 240 -1.32 -9.62 11.60
N VAL A 241 -0.04 -9.50 11.95
CA VAL A 241 0.52 -8.26 12.49
C VAL A 241 1.96 -8.17 12.01
N ASP A 242 2.45 -6.93 11.93
CA ASP A 242 3.82 -6.70 11.54
C ASP A 242 4.10 -7.27 10.13
N ASN A 243 3.17 -6.97 9.23
CA ASN A 243 3.30 -7.38 7.82
C ASN A 243 3.90 -6.28 6.95
N TRP A 244 4.95 -5.66 7.44
CA TRP A 244 5.65 -4.54 6.77
C TRP A 244 7.10 -4.92 6.54
N ARG A 245 7.61 -4.43 5.41
CA ARG A 245 9.01 -4.51 5.09
C ARG A 245 9.71 -3.25 5.62
N PRO A 246 10.87 -3.35 6.26
CA PRO A 246 11.55 -2.15 6.74
C PRO A 246 12.16 -1.34 5.58
N ALA A 247 12.56 -0.10 5.91
CA ALA A 247 13.18 0.78 4.92
C ALA A 247 14.44 0.16 4.33
N GLN A 248 14.59 0.34 2.99
CA GLN A 248 15.69 -0.22 2.22
C GLN A 248 16.60 0.92 1.80
N PRO A 249 17.85 0.59 1.38
CA PRO A 249 18.82 1.64 1.02
C PRO A 249 18.26 2.46 -0.16
N LEU A 250 18.47 3.77 -0.03
CA LEU A 250 18.04 4.71 -1.06
C LEU A 250 18.88 4.58 -2.32
N LYS A 251 20.16 4.27 -2.13
CA LYS A 251 21.06 4.09 -3.29
C LYS A 251 21.04 5.32 -4.20
N ASN A 252 20.99 5.13 -5.52
CA ASN A 252 21.18 6.32 -6.30
C ASN A 252 19.81 6.91 -6.66
N ARG A 253 19.04 7.35 -5.59
CA ARG A 253 17.75 7.97 -5.87
C ARG A 253 17.55 9.31 -5.16
N GLN A 254 16.71 10.15 -5.76
CA GLN A 254 16.27 11.43 -5.21
C GLN A 254 14.76 11.35 -4.97
N ILE A 255 14.37 11.69 -3.74
CA ILE A 255 12.96 11.86 -3.42
C ILE A 255 12.59 13.32 -3.70
N LYS A 256 11.49 13.49 -4.42
CA LYS A 256 11.00 14.82 -4.79
C LYS A 256 9.76 15.12 -3.98
N ALA A 257 9.54 16.39 -3.64
CA ALA A 257 8.36 16.88 -2.93
C ALA A 257 7.56 17.76 -3.88
N SER A 258 6.23 17.65 -3.75
CA SER A 258 5.32 18.50 -4.51
C SER A 258 5.06 19.83 -3.82
N PHE A 259 5.61 20.03 -2.63
CA PHE A 259 5.28 21.12 -1.73
C PHE A 259 6.55 21.60 -1.06
N LYS A 260 6.39 22.84 -0.57
CA LYS A 260 7.08 23.74 0.38
C LYS A 260 8.38 24.26 -0.19
ZN ZN B . 1.72 -2.65 0.12
C11 A1IEP C . 0.49 -9.31 -1.33
C11 A1IEP C . 0.97 -9.52 -1.59
C11 A1IEP C . 0.79 -9.43 -1.60
C12 A1IEP C . 0.78 -8.97 0.17
C12 A1IEP C . 0.61 -9.22 -0.12
C12 A1IEP C . 1.53 -10.64 -2.25
C13 A1IEP C . -0.18 -7.86 0.88
C13 A1IEP C . -0.36 -7.97 0.13
C13 A1IEP C . 1.15 -10.84 -3.76
C14 A1IEP C . -1.55 -8.05 -0.02
C14 A1IEP C . 0.45 -6.92 0.74
C14 A1IEP C . 2.15 -11.87 -4.33
O17 A1IEP C . 4.25 -2.61 -3.22
O17 A1IEP C . 4.24 -2.61 -3.23
O17 A1IEP C . 4.23 -2.63 -3.19
S15 A1IEP C . 2.90 -2.85 -2.66
S15 A1IEP C . 2.90 -2.85 -2.68
S15 A1IEP C . 2.91 -2.83 -2.64
O16 A1IEP C . 1.94 -1.72 -2.76
O16 A1IEP C . 1.96 -1.72 -2.79
O16 A1IEP C . 1.95 -1.78 -2.77
N18 A1IEP C . 3.03 -3.39 -1.11
N18 A1IEP C . 3.03 -3.38 -1.11
N18 A1IEP C . 2.98 -3.36 -1.19
C6 A1IEP C . 2.12 -4.12 -3.66
C6 A1IEP C . 2.12 -4.12 -3.70
C6 A1IEP C . 2.15 -4.12 -3.62
C1 A1IEP C . 1.63 -5.27 -3.05
C1 A1IEP C . 1.65 -5.27 -3.09
C1 A1IEP C . 1.70 -5.28 -3.02
C5 A1IEP C . 1.91 -3.97 -5.04
C5 A1IEP C . 1.89 -3.98 -5.07
C5 A1IEP C . 1.91 -3.97 -4.98
CL7 A1IEP C . 2.47 -2.57 -5.89
CL7 A1IEP C . 2.47 -2.58 -5.89
CL7 A1IEP C . 2.46 -2.56 -5.82
C4 A1IEP C . 1.27 -4.94 -5.77
C4 A1IEP C . 1.26 -4.94 -5.82
C4 A1IEP C . 1.26 -4.93 -5.71
C3 A1IEP C . 0.77 -6.06 -5.14
C3 A1IEP C . 0.78 -6.06 -5.18
C3 A1IEP C . 0.77 -6.03 -5.07
C2 A1IEP C . 0.97 -6.29 -3.76
C2 A1IEP C . 0.96 -6.26 -3.81
C2 A1IEP C . 0.98 -6.27 -3.70
C8 A1IEP C . 0.41 -7.50 -3.02
C8 A1IEP C . 0.45 -7.50 -3.11
C8 A1IEP C . 0.41 -7.49 -3.08
O10 A1IEP C . -0.76 -7.82 -3.32
O10 A1IEP C . -0.73 -7.85 -3.29
O10 A1IEP C . -0.79 -7.83 -3.29
N9 A1IEP C . 1.02 -8.31 -1.98
N9 A1IEP C . 1.27 -8.27 -2.29
N9 A1IEP C . 1.21 -8.21 -2.25
NA NA D . -9.21 5.03 21.16
N1 BCN E . 0.78 15.53 9.08
C1 BCN E . 2.07 15.71 8.40
C2 BCN E . 2.92 16.80 9.09
O21 BCN E . 2.42 17.56 10.00
O22 BCN E . 4.11 16.87 8.71
C3 BCN E . 0.90 15.17 10.50
C4 BCN E . -0.04 14.18 11.15
O4 BCN E . -1.27 14.78 11.56
C5 BCN E . -0.28 16.40 8.52
C6 BCN E . -1.64 16.43 9.22
O6 BCN E . -2.28 17.69 9.20
S DMS F . 8.20 -6.58 10.48
O DMS F . 8.47 -6.98 11.91
C1 DMS F . 8.42 -8.02 9.52
C2 DMS F . 9.62 -5.73 9.94
#